data_6A0J
#
_entry.id   6A0J
#
_cell.length_a   72.703
_cell.length_b   72.703
_cell.length_c   209.185
_cell.angle_alpha   90.00
_cell.angle_beta   90.00
_cell.angle_gamma   90.00
#
_symmetry.space_group_name_H-M   'P 43 21 2'
#
loop_
_entity.id
_entity.type
_entity.pdbx_description
1 polymer 'Cyclic maltosyl-maltose hydrolase'
2 branched 'Cyclic alpha-D-glucopyranose-(1-4)-alpha-D-glucopyranose-(1-6)-alpha-D-glucopyranose-(1-4)-alpha-D-glucopyranose'
3 non-polymer 'CALCIUM ION'
4 water water
#
_entity_poly.entity_id   1
_entity_poly.type   'polypeptide(L)'
_entity_poly.pdbx_seq_one_letter_code
;MGSSHHHHHHSSGLVPRGSHMVTAPDWLADAVFYQIFPERFANADPSLDPQNVVPWGSTPTPDNFFGGDLQGIIDHLDHI
VALGANALYLTPIFEADTNHRYDAKDYFSIDHRLGTLETFHALMAECRARGIRIVLDAVLNHCGDGHWAFADVVENEADS
AYVNWFSVEGFPVTAHPTPNYRTCSGCYYLPKWNAYNPEVRHHHLDVARYWIDQGIDGWRLNVPYFINHTFWREFRTAVK
GKSEDLYIVAEEWRSPVEWLQGDTADGTMNYTARDLILGFTADGGIDASALAAGLNALHAEIPAGFHRGMLNLLGSHDTE
RVLTRHAGDVEAALLSYALLFSLEGAPMVYYGDEVGLTGDNDPGCRGAMPWNEESWNTRLLDGIRTFAAFRAHQPAMRRG
RQTAVALDADTIAIVRSGGDERAAVIVHRGEGTTVDTASIPELAPLDADTVVLGPLGTASLATAASPGSSA
;
_entity_poly.pdbx_strand_id   A
#
# COMPACT_ATOMS: atom_id res chain seq x y z
N VAL A 22 5.81 -21.58 -3.71
CA VAL A 22 7.08 -20.88 -3.58
C VAL A 22 7.13 -20.12 -2.19
N THR A 23 7.91 -19.04 -2.11
CA THR A 23 7.99 -18.13 -0.97
C THR A 23 8.12 -16.75 -1.59
N ALA A 24 7.95 -15.73 -0.80
CA ALA A 24 8.11 -14.35 -1.29
C ALA A 24 9.55 -14.06 -1.58
N PRO A 25 9.81 -13.14 -2.49
CA PRO A 25 11.17 -12.67 -2.72
C PRO A 25 11.86 -12.25 -1.44
N ASP A 26 13.14 -12.66 -1.31
CA ASP A 26 13.89 -12.25 -0.15
C ASP A 26 14.04 -10.81 0.12
N TRP A 27 14.15 -9.98 -0.94
CA TRP A 27 14.34 -8.57 -0.74
C TRP A 27 13.23 -7.87 0.03
N LEU A 28 12.06 -8.46 0.08
CA LEU A 28 10.97 -7.84 0.82
C LEU A 28 11.31 -7.71 2.30
N ALA A 29 12.14 -8.60 2.80
CA ALA A 29 12.50 -8.47 4.22
C ALA A 29 13.10 -7.10 4.56
N ASP A 30 13.86 -6.55 3.63
CA ASP A 30 14.56 -5.28 3.84
C ASP A 30 13.81 -4.05 3.27
N ALA A 31 12.64 -4.29 2.74
CA ALA A 31 11.86 -3.21 2.15
C ALA A 31 11.07 -2.37 3.10
N VAL A 32 11.01 -1.11 2.74
CA VAL A 32 10.25 -0.12 3.42
C VAL A 32 9.50 0.68 2.31
N PHE A 33 8.16 0.57 2.25
CA PHE A 33 7.42 1.20 1.15
C PHE A 33 6.90 2.57 1.50
N TYR A 34 6.78 3.37 0.44
CA TYR A 34 6.17 4.68 0.49
C TYR A 34 5.07 4.69 -0.60
N GLN A 35 3.84 4.85 -0.17
CA GLN A 35 2.73 4.87 -1.12
C GLN A 35 2.42 6.27 -1.64
N ILE A 36 2.40 6.42 -2.96
CA ILE A 36 2.12 7.67 -3.57
C ILE A 36 0.90 7.59 -4.49
N PHE A 37 -0.01 8.56 -4.33
CA PHE A 37 -1.14 8.80 -5.23
C PHE A 37 -0.69 9.93 -6.16
N PRO A 38 -0.33 9.60 -7.41
CA PRO A 38 0.59 10.51 -8.16
C PRO A 38 0.00 11.81 -8.54
N GLU A 39 -1.30 11.90 -8.51
CA GLU A 39 -1.93 13.17 -8.82
C GLU A 39 -1.62 14.19 -7.72
N ARG A 40 -1.14 13.72 -6.59
CA ARG A 40 -1.05 14.64 -5.44
C ARG A 40 0.28 14.80 -4.70
N PHE A 41 1.32 14.19 -5.21
CA PHE A 41 2.62 14.22 -4.56
C PHE A 41 3.43 15.50 -4.83
N ALA A 42 3.71 15.78 -6.10
CA ALA A 42 4.39 17.01 -6.45
C ALA A 42 4.15 17.42 -7.85
N ASN A 43 4.02 18.71 -8.10
CA ASN A 43 3.75 19.21 -9.42
C ASN A 43 5.00 19.90 -9.92
N ALA A 44 5.79 19.26 -10.73
CA ALA A 44 6.99 19.88 -11.24
C ALA A 44 6.96 20.41 -12.63
N ASP A 45 6.02 19.95 -13.48
CA ASP A 45 5.99 20.37 -14.88
C ASP A 45 4.74 21.05 -15.20
N PRO A 46 4.75 22.38 -15.28
CA PRO A 46 3.51 23.12 -15.57
C PRO A 46 2.92 22.86 -16.93
N SER A 47 3.71 22.36 -17.87
CA SER A 47 3.26 22.17 -19.21
C SER A 47 2.24 21.02 -19.20
N LEU A 48 2.32 20.17 -18.16
CA LEU A 48 1.37 19.03 -18.06
C LEU A 48 0.11 19.36 -17.32
N ASP A 49 0.01 20.50 -16.70
CA ASP A 49 -1.21 20.83 -16.03
C ASP A 49 -2.39 20.91 -17.02
N PRO A 50 -3.54 20.33 -16.64
CA PRO A 50 -4.72 20.46 -17.46
C PRO A 50 -5.33 21.89 -17.34
N GLN A 51 -6.14 22.27 -18.28
CA GLN A 51 -6.79 23.59 -18.21
C GLN A 51 -7.63 23.80 -16.92
N ASN A 52 -8.15 22.69 -16.40
CA ASN A 52 -8.96 22.75 -15.22
C ASN A 52 -8.22 22.54 -13.90
N VAL A 53 -6.89 22.68 -13.95
CA VAL A 53 -6.09 22.45 -12.72
C VAL A 53 -6.60 23.35 -11.61
N VAL A 54 -6.50 22.85 -10.40
CA VAL A 54 -6.85 23.59 -9.17
C VAL A 54 -5.57 23.98 -8.45
N PRO A 55 -5.65 25.03 -7.60
CA PRO A 55 -4.50 25.29 -6.66
C PRO A 55 -4.12 24.17 -5.81
N TRP A 56 -2.79 24.07 -5.55
CA TRP A 56 -2.27 22.99 -4.73
C TRP A 56 -2.87 22.84 -3.38
N GLY A 57 -3.34 23.91 -2.77
CA GLY A 57 -4.00 23.75 -1.50
C GLY A 57 -5.49 23.47 -1.44
N SER A 58 -6.02 23.07 -2.61
CA SER A 58 -7.43 22.82 -2.68
C SER A 58 -7.93 21.60 -1.94
N THR A 59 -9.19 21.60 -1.61
CA THR A 59 -9.84 20.43 -1.07
C THR A 59 -9.97 19.37 -2.18
N PRO A 60 -9.48 18.12 -1.90
CA PRO A 60 -9.65 17.03 -2.93
C PRO A 60 -11.09 16.64 -3.06
N THR A 61 -11.43 16.28 -4.33
CA THR A 61 -12.77 15.76 -4.57
C THR A 61 -12.61 14.60 -5.56
N PRO A 62 -13.74 14.01 -5.92
CA PRO A 62 -13.60 12.93 -6.94
C PRO A 62 -13.37 13.41 -8.30
N ASP A 63 -13.46 14.72 -8.59
CA ASP A 63 -13.40 15.24 -9.91
C ASP A 63 -12.22 16.15 -10.24
N ASN A 64 -11.44 16.62 -9.22
CA ASN A 64 -10.46 17.66 -9.54
C ASN A 64 -9.10 17.17 -9.84
N PHE A 65 -8.33 18.01 -10.49
CA PHE A 65 -6.97 17.75 -10.83
C PHE A 65 -6.03 18.85 -10.30
N PHE A 66 -5.00 18.40 -9.62
CA PHE A 66 -3.99 19.25 -9.01
C PHE A 66 -2.67 19.33 -9.80
N GLY A 67 -2.50 18.40 -10.72
CA GLY A 67 -1.30 18.40 -11.53
C GLY A 67 -0.05 17.70 -11.01
N GLY A 68 -0.20 16.82 -10.04
CA GLY A 68 0.89 15.98 -9.68
C GLY A 68 1.50 15.26 -10.86
N ASP A 69 2.81 15.09 -10.93
CA ASP A 69 3.41 14.49 -12.13
C ASP A 69 4.62 13.66 -11.75
N LEU A 70 5.08 12.86 -12.70
CA LEU A 70 6.22 11.95 -12.50
C LEU A 70 7.53 12.75 -12.19
N GLN A 71 7.67 13.88 -12.89
CA GLN A 71 8.87 14.72 -12.64
C GLN A 71 8.79 15.19 -11.12
N GLY A 72 7.58 15.45 -10.63
CA GLY A 72 7.40 15.78 -9.21
C GLY A 72 7.91 14.71 -8.33
N ILE A 73 7.69 13.43 -8.65
CA ILE A 73 8.17 12.31 -7.87
C ILE A 73 9.73 12.32 -7.90
N ILE A 74 10.28 12.39 -9.08
CA ILE A 74 11.76 12.37 -9.24
C ILE A 74 12.30 13.42 -8.34
N ASP A 75 11.76 14.61 -8.45
CA ASP A 75 12.34 15.74 -7.74
C ASP A 75 12.31 15.66 -6.23
N HIS A 76 11.52 14.76 -5.69
CA HIS A 76 11.41 14.65 -4.25
C HIS A 76 11.83 13.29 -3.69
N LEU A 77 12.59 12.54 -4.45
CA LEU A 77 13.05 11.29 -4.00
C LEU A 77 13.96 11.48 -2.76
N ASP A 78 14.65 12.61 -2.64
CA ASP A 78 15.43 12.78 -1.40
C ASP A 78 14.57 12.66 -0.11
N HIS A 79 13.37 13.28 -0.15
CA HIS A 79 12.44 13.19 0.98
C HIS A 79 12.17 11.74 1.35
N ILE A 80 11.83 10.92 0.33
CA ILE A 80 11.44 9.52 0.55
C ILE A 80 12.62 8.73 1.13
N VAL A 81 13.82 8.93 0.56
CA VAL A 81 15.00 8.22 1.09
C VAL A 81 15.26 8.74 2.56
N ALA A 82 15.09 10.01 2.81
CA ALA A 82 15.30 10.59 4.20
C ALA A 82 14.35 10.07 5.20
N LEU A 83 13.17 9.59 4.76
CA LEU A 83 12.24 8.96 5.68
C LEU A 83 12.66 7.59 6.10
N GLY A 84 13.40 6.90 5.22
CA GLY A 84 13.80 5.56 5.38
C GLY A 84 13.20 4.55 4.40
N ALA A 85 12.45 5.05 3.43
CA ALA A 85 11.84 4.15 2.41
C ALA A 85 12.75 3.83 1.28
N ASN A 86 12.60 2.61 0.74
CA ASN A 86 13.36 2.16 -0.38
C ASN A 86 12.51 1.48 -1.43
N ALA A 87 11.20 1.75 -1.42
CA ALA A 87 10.33 1.17 -2.45
C ALA A 87 9.12 2.08 -2.51
N LEU A 88 8.53 2.21 -3.68
CA LEU A 88 7.32 2.94 -3.89
C LEU A 88 6.19 2.04 -4.37
N TYR A 89 5.00 2.35 -3.87
CA TYR A 89 3.80 1.73 -4.36
C TYR A 89 3.00 2.91 -4.98
N LEU A 90 2.86 2.88 -6.29
CA LEU A 90 2.10 3.86 -6.98
C LEU A 90 0.69 3.39 -7.36
N THR A 91 -0.29 4.20 -7.06
CA THR A 91 -1.62 3.95 -7.54
C THR A 91 -1.63 4.14 -9.04
N PRO A 92 -2.75 3.86 -9.77
CA PRO A 92 -2.65 3.78 -11.20
C PRO A 92 -2.13 5.01 -11.90
N ILE A 93 -1.33 4.79 -12.94
CA ILE A 93 -0.69 5.82 -13.72
C ILE A 93 -0.93 5.81 -15.20
N PHE A 94 -1.85 4.96 -15.65
CA PHE A 94 -2.17 4.90 -17.11
C PHE A 94 -3.22 5.85 -17.50
N GLU A 95 -3.18 6.24 -18.78
CA GLU A 95 -4.21 7.16 -19.29
C GLU A 95 -5.62 6.86 -18.84
N ALA A 96 -6.30 7.82 -18.37
CA ALA A 96 -7.56 7.67 -17.66
C ALA A 96 -8.32 8.98 -17.60
N ASP A 97 -9.64 8.94 -17.34
CA ASP A 97 -10.38 10.16 -17.23
C ASP A 97 -10.46 10.74 -15.84
N THR A 98 -10.29 9.94 -14.79
CA THR A 98 -10.40 10.41 -13.43
C THR A 98 -9.04 10.67 -12.78
N ASN A 99 -9.16 11.37 -11.63
CA ASN A 99 -7.95 11.72 -10.88
C ASN A 99 -7.24 10.56 -10.23
N HIS A 100 -8.00 9.50 -10.01
CA HIS A 100 -7.47 8.29 -9.36
C HIS A 100 -6.95 7.22 -10.32
N ARG A 101 -7.47 7.32 -11.52
CA ARG A 101 -7.02 6.53 -12.61
C ARG A 101 -7.29 5.03 -12.59
N TYR A 102 -8.27 4.64 -11.81
CA TYR A 102 -8.73 3.25 -11.86
C TYR A 102 -9.63 2.96 -13.13
N ASP A 103 -9.98 4.02 -13.86
CA ASP A 103 -10.75 3.97 -15.06
C ASP A 103 -9.84 4.09 -16.31
N ALA A 104 -8.88 3.22 -16.41
CA ALA A 104 -7.96 3.32 -17.53
C ALA A 104 -8.61 3.21 -18.90
N LYS A 105 -8.08 4.01 -19.80
CA LYS A 105 -8.53 3.98 -21.19
C LYS A 105 -7.49 3.47 -22.18
N ASP A 106 -6.30 3.26 -21.68
CA ASP A 106 -5.20 2.72 -22.45
C ASP A 106 -4.13 2.24 -21.50
N TYR A 107 -4.03 0.96 -21.34
CA TYR A 107 -3.05 0.36 -20.40
C TYR A 107 -1.65 0.43 -20.84
N PHE A 108 -1.41 0.92 -22.11
CA PHE A 108 -0.09 0.96 -22.64
C PHE A 108 0.45 2.38 -22.74
N SER A 109 -0.12 3.29 -22.00
CA SER A 109 0.37 4.69 -22.06
C SER A 109 0.23 5.28 -20.68
N ILE A 110 1.28 6.00 -20.26
CA ILE A 110 1.20 6.81 -19.02
C ILE A 110 0.18 7.91 -19.29
N ASP A 111 -0.58 8.31 -18.30
CA ASP A 111 -1.54 9.39 -18.40
C ASP A 111 -0.81 10.70 -18.80
N HIS A 112 -1.40 11.40 -19.75
CA HIS A 112 -0.68 12.59 -20.36
C HIS A 112 -0.46 13.67 -19.34
N ARG A 113 -1.21 13.73 -18.26
CA ARG A 113 -0.96 14.72 -17.19
C ARG A 113 0.18 14.29 -16.31
N LEU A 114 0.51 13.00 -16.26
CA LEU A 114 1.67 12.53 -15.49
C LEU A 114 3.00 12.70 -16.17
N GLY A 115 3.01 12.54 -17.48
CA GLY A 115 4.24 12.56 -18.22
C GLY A 115 4.28 11.61 -19.37
N THR A 116 5.44 11.49 -19.97
CA THR A 116 5.65 10.59 -21.05
C THR A 116 6.36 9.33 -20.57
N LEU A 117 6.39 8.33 -21.42
CA LEU A 117 7.17 7.15 -21.12
C LEU A 117 8.65 7.50 -20.87
N GLU A 118 9.24 8.45 -21.63
CA GLU A 118 10.59 8.89 -21.37
C GLU A 118 10.76 9.36 -19.93
N THR A 119 9.84 10.17 -19.46
CA THR A 119 9.95 10.66 -18.06
C THR A 119 9.78 9.47 -17.09
N PHE A 120 8.89 8.54 -17.41
CA PHE A 120 8.83 7.34 -16.58
C PHE A 120 10.15 6.56 -16.49
N HIS A 121 10.79 6.40 -17.64
CA HIS A 121 12.11 5.79 -17.61
C HIS A 121 13.13 6.59 -16.84
N ALA A 122 13.00 7.89 -16.87
CA ALA A 122 13.91 8.70 -16.02
C ALA A 122 13.67 8.41 -14.53
N LEU A 123 12.43 8.32 -14.14
CA LEU A 123 12.12 7.94 -12.78
C LEU A 123 12.67 6.61 -12.41
N MET A 124 12.51 5.61 -13.27
CA MET A 124 13.06 4.32 -13.02
C MET A 124 14.58 4.37 -12.90
N ALA A 125 15.22 5.04 -13.83
CA ALA A 125 16.68 5.09 -13.79
C ALA A 125 17.18 5.76 -12.48
N GLU A 126 16.53 6.79 -12.07
CA GLU A 126 16.91 7.49 -10.79
C GLU A 126 16.65 6.61 -9.62
N CYS A 127 15.50 5.94 -9.61
CA CYS A 127 15.25 4.95 -8.57
C CYS A 127 16.33 3.86 -8.54
N ARG A 128 16.71 3.24 -9.68
CA ARG A 128 17.73 2.24 -9.71
C ARG A 128 19.06 2.83 -9.12
N ALA A 129 19.35 4.07 -9.44
CA ALA A 129 20.57 4.71 -8.92
C ALA A 129 20.57 4.84 -7.41
N ARG A 130 19.39 4.99 -6.84
CA ARG A 130 19.21 5.16 -5.40
C ARG A 130 18.85 3.89 -4.66
N GLY A 131 18.68 2.80 -5.38
CA GLY A 131 18.30 1.56 -4.75
C GLY A 131 16.82 1.56 -4.31
N ILE A 132 15.98 2.20 -5.08
CA ILE A 132 14.55 2.25 -4.77
C ILE A 132 13.80 1.38 -5.80
N ARG A 133 12.92 0.54 -5.31
CA ARG A 133 12.11 -0.32 -6.15
C ARG A 133 10.72 0.30 -6.39
N ILE A 134 10.10 -0.09 -7.49
CA ILE A 134 8.81 0.45 -7.90
C ILE A 134 7.78 -0.63 -8.17
N VAL A 135 6.65 -0.50 -7.48
CA VAL A 135 5.53 -1.44 -7.63
C VAL A 135 4.34 -0.63 -8.16
N LEU A 136 3.75 -1.05 -9.28
CA LEU A 136 2.57 -0.37 -9.92
C LEU A 136 1.28 -1.09 -9.55
N ASP A 137 0.18 -0.42 -9.80
CA ASP A 137 -1.16 -0.88 -9.46
C ASP A 137 -1.80 -1.55 -10.75
N ALA A 138 -2.00 -2.87 -10.67
CA ALA A 138 -2.64 -3.65 -11.75
C ALA A 138 -4.18 -3.68 -11.57
N VAL A 139 -4.88 -3.03 -12.48
CA VAL A 139 -6.35 -2.87 -12.36
C VAL A 139 -6.93 -3.72 -13.49
N LEU A 140 -7.15 -5.00 -13.20
CA LEU A 140 -7.48 -5.97 -14.24
C LEU A 140 -8.95 -6.39 -14.19
N ASN A 141 -9.65 -6.06 -13.13
CA ASN A 141 -11.06 -6.39 -13.09
C ASN A 141 -11.90 -5.53 -13.94
N HIS A 142 -11.52 -4.27 -14.19
CA HIS A 142 -12.34 -3.28 -14.83
C HIS A 142 -11.42 -2.24 -15.48
N CYS A 143 -11.97 -1.57 -16.47
CA CYS A 143 -11.38 -0.40 -17.10
C CYS A 143 -12.27 0.83 -16.96
N GLY A 144 -11.92 1.93 -17.62
CA GLY A 144 -12.82 3.06 -17.70
C GLY A 144 -13.84 2.94 -18.83
N ASP A 145 -14.90 3.68 -18.66
CA ASP A 145 -15.82 3.80 -19.80
C ASP A 145 -15.24 4.54 -21.01
N GLY A 146 -14.09 5.17 -20.86
CA GLY A 146 -13.41 5.80 -21.97
C GLY A 146 -12.44 4.93 -22.73
N HIS A 147 -12.27 3.71 -22.24
CA HIS A 147 -11.37 2.79 -22.91
C HIS A 147 -11.82 2.52 -24.34
N TRP A 148 -10.85 2.46 -25.24
CA TRP A 148 -11.16 2.29 -26.63
C TRP A 148 -12.03 1.06 -26.91
N ALA A 149 -11.79 -0.02 -26.22
CA ALA A 149 -12.64 -1.21 -26.43
C ALA A 149 -14.05 -0.98 -26.03
N PHE A 150 -14.28 -0.34 -24.86
CA PHE A 150 -15.66 -0.09 -24.41
C PHE A 150 -16.35 0.90 -25.33
N ALA A 151 -15.68 1.98 -25.71
CA ALA A 151 -16.26 2.93 -26.59
C ALA A 151 -16.65 2.29 -27.89
N ASP A 152 -15.90 1.34 -28.34
CA ASP A 152 -16.21 0.67 -29.61
C ASP A 152 -17.50 -0.15 -29.42
N VAL A 153 -17.69 -0.76 -28.27
CA VAL A 153 -18.94 -1.52 -27.99
C VAL A 153 -20.11 -0.54 -27.88
N VAL A 154 -19.92 0.61 -27.24
CA VAL A 154 -20.98 1.58 -27.16
C VAL A 154 -21.42 2.03 -28.57
N GLU A 155 -20.47 2.22 -29.47
CA GLU A 155 -20.78 2.64 -30.82
C GLU A 155 -21.30 1.56 -31.77
N ASN A 156 -20.58 0.46 -31.81
CA ASN A 156 -20.85 -0.62 -32.76
C ASN A 156 -21.66 -1.80 -32.24
N GLU A 157 -21.87 -1.82 -30.93
CA GLU A 157 -22.80 -2.80 -30.29
C GLU A 157 -22.46 -4.25 -30.62
N ALA A 158 -23.41 -5.04 -31.17
CA ALA A 158 -23.10 -6.43 -31.42
C ALA A 158 -22.07 -6.64 -32.52
N ASP A 159 -21.91 -5.63 -33.38
CA ASP A 159 -20.88 -5.69 -34.43
C ASP A 159 -19.50 -5.31 -33.97
N SER A 160 -19.38 -4.83 -32.71
CA SER A 160 -18.00 -4.57 -32.25
C SER A 160 -17.16 -5.81 -32.06
N ALA A 161 -15.90 -5.76 -32.42
CA ALA A 161 -15.02 -6.88 -32.15
C ALA A 161 -14.82 -7.11 -30.66
N TYR A 162 -15.16 -6.11 -29.86
CA TYR A 162 -14.93 -6.16 -28.42
C TYR A 162 -16.16 -6.40 -27.56
N VAL A 163 -17.28 -6.72 -28.18
CA VAL A 163 -18.49 -6.92 -27.41
C VAL A 163 -18.33 -7.91 -26.27
N ASN A 164 -17.63 -9.00 -26.56
CA ASN A 164 -17.46 -9.98 -25.52
C ASN A 164 -16.20 -9.76 -24.68
N TRP A 165 -15.54 -8.58 -24.82
CA TRP A 165 -14.56 -8.21 -23.85
C TRP A 165 -15.21 -7.73 -22.59
N PHE A 166 -16.51 -7.49 -22.57
CA PHE A 166 -17.30 -6.93 -21.48
C PHE A 166 -18.54 -7.80 -21.26
N SER A 167 -19.34 -7.43 -20.31
CA SER A 167 -20.62 -8.10 -20.01
C SER A 167 -21.72 -7.07 -20.11
N VAL A 168 -22.15 -6.91 -21.33
CA VAL A 168 -23.25 -5.93 -21.68
C VAL A 168 -24.57 -6.64 -21.84
N GLU A 169 -25.55 -6.30 -21.06
CA GLU A 169 -26.84 -7.03 -21.05
C GLU A 169 -27.60 -6.89 -22.36
N GLY A 170 -27.50 -5.77 -23.02
CA GLY A 170 -28.25 -5.50 -24.25
C GLY A 170 -27.97 -4.09 -24.68
N PHE A 171 -28.62 -3.68 -25.76
CA PHE A 171 -28.32 -2.39 -26.46
C PHE A 171 -29.56 -1.51 -26.49
N PRO A 172 -29.37 -0.18 -26.42
CA PRO A 172 -28.07 0.47 -26.36
C PRO A 172 -27.45 0.37 -24.93
N VAL A 173 -26.14 0.57 -24.94
CA VAL A 173 -25.39 0.63 -23.64
C VAL A 173 -25.98 1.81 -22.90
N THR A 174 -26.36 1.57 -21.64
CA THR A 174 -26.98 2.58 -20.76
C THR A 174 -26.32 2.58 -19.40
N ALA A 175 -25.88 3.79 -19.02
CA ALA A 175 -25.20 4.00 -17.70
C ALA A 175 -26.18 4.30 -16.63
N HIS A 176 -27.27 5.03 -16.98
CA HIS A 176 -28.12 5.67 -15.93
C HIS A 176 -29.58 5.26 -16.19
N PRO A 177 -30.34 5.00 -15.15
CA PRO A 177 -30.01 5.28 -13.76
C PRO A 177 -29.12 4.23 -13.08
N THR A 178 -29.04 3.07 -13.79
CA THR A 178 -28.18 1.98 -13.35
C THR A 178 -27.62 1.36 -14.62
N PRO A 179 -26.40 0.88 -14.51
CA PRO A 179 -25.82 0.41 -15.77
C PRO A 179 -26.35 -0.95 -16.23
N ASN A 180 -26.52 -1.08 -17.54
CA ASN A 180 -26.95 -2.37 -18.10
C ASN A 180 -25.85 -3.22 -18.52
N TYR A 181 -24.77 -3.11 -17.78
CA TYR A 181 -23.54 -3.87 -18.02
C TYR A 181 -22.82 -4.10 -16.68
N ARG A 182 -22.05 -5.19 -16.59
CA ARG A 182 -21.34 -5.44 -15.34
C ARG A 182 -20.26 -4.36 -15.12
N THR A 183 -20.08 -3.98 -13.86
CA THR A 183 -19.14 -2.96 -13.45
C THR A 183 -18.44 -3.34 -12.13
N CYS A 184 -17.46 -2.52 -11.77
CA CYS A 184 -16.90 -2.54 -10.42
C CYS A 184 -17.91 -1.88 -9.47
N SER A 185 -18.54 -2.76 -8.68
CA SER A 185 -19.43 -2.39 -7.59
C SER A 185 -20.47 -1.39 -8.00
N GLY A 186 -21.01 -1.60 -9.19
CA GLY A 186 -22.12 -0.77 -9.65
C GLY A 186 -21.78 0.61 -10.24
N CYS A 187 -20.49 0.92 -10.32
CA CYS A 187 -20.00 2.20 -10.81
C CYS A 187 -19.99 2.21 -12.34
N TYR A 188 -20.83 3.06 -12.94
CA TYR A 188 -21.01 3.07 -14.40
C TYR A 188 -19.76 3.35 -15.24
N TYR A 189 -18.81 4.10 -14.62
CA TYR A 189 -17.65 4.47 -15.38
C TYR A 189 -16.48 3.43 -15.29
N LEU A 190 -16.77 2.34 -14.60
CA LEU A 190 -15.82 1.23 -14.37
C LEU A 190 -16.42 -0.08 -14.90
N PRO A 191 -16.63 -0.21 -16.24
CA PRO A 191 -17.10 -1.48 -16.75
C PRO A 191 -16.12 -2.64 -16.46
N LYS A 192 -16.71 -3.77 -16.11
CA LYS A 192 -15.98 -4.95 -15.76
C LYS A 192 -15.46 -5.71 -16.98
N TRP A 193 -14.18 -6.03 -16.96
CA TRP A 193 -13.60 -6.81 -18.00
C TRP A 193 -14.09 -8.26 -17.92
N ASN A 194 -14.33 -8.86 -19.08
CA ASN A 194 -14.73 -10.23 -19.11
C ASN A 194 -13.50 -11.12 -19.12
N ALA A 195 -13.04 -11.47 -17.94
CA ALA A 195 -11.79 -12.28 -17.80
C ALA A 195 -12.01 -13.75 -18.23
N TYR A 196 -13.23 -14.10 -18.56
CA TYR A 196 -13.50 -15.44 -19.16
C TYR A 196 -13.24 -15.46 -20.63
N ASN A 197 -12.94 -14.31 -21.24
CA ASN A 197 -12.63 -14.22 -22.67
C ASN A 197 -11.11 -14.40 -22.82
N PRO A 198 -10.66 -15.42 -23.56
CA PRO A 198 -9.20 -15.58 -23.70
C PRO A 198 -8.54 -14.33 -24.30
N GLU A 199 -9.28 -13.58 -25.05
CA GLU A 199 -8.71 -12.37 -25.66
C GLU A 199 -8.40 -11.32 -24.61
N VAL A 200 -9.24 -11.23 -23.61
CA VAL A 200 -9.05 -10.27 -22.54
C VAL A 200 -7.87 -10.72 -21.67
N ARG A 201 -7.82 -12.01 -21.39
CA ARG A 201 -6.73 -12.49 -20.59
C ARG A 201 -5.39 -12.22 -21.30
N HIS A 202 -5.41 -12.35 -22.60
CA HIS A 202 -4.19 -12.08 -23.37
C HIS A 202 -3.77 -10.62 -23.19
N HIS A 203 -4.72 -9.73 -23.27
CA HIS A 203 -4.45 -8.33 -23.07
C HIS A 203 -3.86 -8.11 -21.66
N HIS A 204 -4.53 -8.66 -20.66
CA HIS A 204 -4.10 -8.43 -19.31
C HIS A 204 -2.70 -8.95 -19.00
N LEU A 205 -2.40 -10.15 -19.44
CA LEU A 205 -1.09 -10.71 -19.21
C LEU A 205 -0.03 -9.95 -20.01
N ASP A 206 -0.43 -9.44 -21.16
CA ASP A 206 0.40 -8.54 -21.97
C ASP A 206 0.76 -7.25 -21.24
N VAL A 207 -0.20 -6.64 -20.64
CA VAL A 207 0.00 -5.42 -19.80
C VAL A 207 1.00 -5.81 -18.70
N ALA A 208 0.79 -6.94 -18.02
CA ALA A 208 1.65 -7.35 -16.89
C ALA A 208 3.12 -7.42 -17.35
N ARG A 209 3.29 -8.05 -18.48
CA ARG A 209 4.67 -8.22 -19.03
C ARG A 209 5.23 -6.90 -19.57
N TYR A 210 4.40 -6.10 -20.21
CA TYR A 210 4.90 -4.87 -20.78
C TYR A 210 5.57 -3.91 -19.80
N TRP A 211 4.87 -3.69 -18.68
CA TRP A 211 5.40 -2.77 -17.67
C TRP A 211 6.63 -3.35 -16.95
N ILE A 212 6.69 -4.66 -16.83
CA ILE A 212 7.89 -5.27 -16.31
C ILE A 212 9.06 -4.87 -17.24
N ASP A 213 8.83 -4.96 -18.51
CA ASP A 213 9.84 -4.57 -19.49
C ASP A 213 10.19 -3.16 -19.42
N GLN A 214 9.38 -2.22 -18.89
CA GLN A 214 9.76 -0.81 -18.71
C GLN A 214 10.56 -0.64 -17.40
N GLY A 215 10.76 -1.68 -16.58
CA GLY A 215 11.68 -1.63 -15.46
C GLY A 215 11.07 -1.79 -14.07
N ILE A 216 9.77 -2.02 -14.00
CA ILE A 216 9.14 -2.12 -12.68
C ILE A 216 9.54 -3.36 -11.91
N ASP A 217 9.35 -3.27 -10.58
CA ASP A 217 9.73 -4.31 -9.69
C ASP A 217 8.61 -5.15 -9.10
N GLY A 218 7.38 -4.80 -9.42
CA GLY A 218 6.28 -5.59 -8.92
C GLY A 218 4.95 -4.95 -9.26
N TRP A 219 3.90 -5.68 -8.91
CA TRP A 219 2.54 -5.30 -9.15
C TRP A 219 1.67 -5.51 -7.90
N ARG A 220 0.84 -4.50 -7.62
CA ARG A 220 -0.13 -4.58 -6.55
C ARG A 220 -1.46 -4.90 -7.26
N LEU A 221 -2.13 -5.98 -6.84
CA LEU A 221 -3.37 -6.36 -7.48
C LEU A 221 -4.62 -5.67 -6.91
N ASN A 222 -5.31 -4.90 -7.73
CA ASN A 222 -6.53 -4.25 -7.33
C ASN A 222 -7.70 -5.23 -7.38
N VAL A 223 -8.44 -5.25 -6.28
CA VAL A 223 -9.60 -6.09 -6.06
C VAL A 223 -9.56 -7.44 -6.75
N PRO A 224 -8.51 -8.21 -6.47
CA PRO A 224 -8.35 -9.45 -7.13
C PRO A 224 -9.44 -10.50 -6.88
N TYR A 225 -10.12 -10.37 -5.75
CA TYR A 225 -11.25 -11.17 -5.41
C TYR A 225 -12.39 -10.96 -6.35
N PHE A 226 -12.40 -9.95 -7.19
CA PHE A 226 -13.47 -9.81 -8.17
C PHE A 226 -13.23 -10.61 -9.47
N ILE A 227 -12.03 -11.16 -9.62
CA ILE A 227 -11.71 -12.00 -10.75
C ILE A 227 -11.75 -13.44 -10.25
N ASN A 228 -10.71 -14.21 -10.44
CA ASN A 228 -10.70 -15.59 -10.01
C ASN A 228 -9.28 -16.13 -9.96
N HIS A 229 -9.08 -17.21 -9.21
CA HIS A 229 -7.75 -17.74 -9.02
C HIS A 229 -7.14 -18.41 -10.25
N THR A 230 -7.94 -18.99 -11.13
CA THR A 230 -7.40 -19.51 -12.32
C THR A 230 -6.59 -18.43 -13.07
N PHE A 231 -7.19 -17.25 -13.23
CA PHE A 231 -6.51 -16.14 -13.87
C PHE A 231 -5.30 -15.76 -13.05
N TRP A 232 -5.43 -15.58 -11.72
CA TRP A 232 -4.26 -15.10 -10.94
C TRP A 232 -3.12 -16.07 -10.95
N ARG A 233 -3.39 -17.37 -11.09
CA ARG A 233 -2.28 -18.35 -11.26
C ARG A 233 -1.55 -18.11 -12.57
N GLU A 234 -2.31 -17.83 -13.63
CA GLU A 234 -1.66 -17.54 -14.96
C GLU A 234 -0.86 -16.25 -14.84
N PHE A 235 -1.39 -15.28 -14.09
CA PHE A 235 -0.70 -14.01 -13.91
C PHE A 235 0.64 -14.22 -13.18
N ARG A 236 0.64 -15.02 -12.13
CA ARG A 236 1.88 -15.27 -11.41
C ARG A 236 2.91 -15.91 -12.34
N THR A 237 2.47 -16.89 -13.10
CA THR A 237 3.35 -17.55 -14.02
C THR A 237 3.97 -16.56 -14.99
N ALA A 238 3.16 -15.68 -15.54
CA ALA A 238 3.65 -14.68 -16.48
C ALA A 238 4.70 -13.77 -15.83
N VAL A 239 4.38 -13.25 -14.68
CA VAL A 239 5.29 -12.35 -13.92
C VAL A 239 6.55 -13.02 -13.49
N LYS A 240 6.45 -14.16 -12.86
CA LYS A 240 7.63 -14.83 -12.31
C LYS A 240 8.49 -15.36 -13.50
N GLY A 241 7.87 -15.60 -14.65
CA GLY A 241 8.62 -16.03 -15.87
C GLY A 241 9.53 -14.96 -16.34
N LYS A 242 9.23 -13.70 -16.08
CA LYS A 242 10.16 -12.58 -16.30
C LYS A 242 11.31 -12.55 -15.29
N SER A 243 10.97 -12.72 -14.01
CA SER A 243 11.95 -12.80 -12.93
C SER A 243 11.26 -13.28 -11.68
N GLU A 244 11.80 -14.29 -10.99
CA GLU A 244 11.21 -14.72 -9.71
C GLU A 244 11.26 -13.60 -8.65
N ASP A 245 12.09 -12.62 -8.81
CA ASP A 245 12.21 -11.53 -7.83
C ASP A 245 11.17 -10.45 -7.96
N LEU A 246 10.33 -10.53 -8.98
CA LEU A 246 9.24 -9.53 -9.09
C LEU A 246 8.20 -9.84 -8.01
N TYR A 247 7.73 -8.79 -7.37
CA TYR A 247 6.83 -8.94 -6.22
C TYR A 247 5.38 -8.78 -6.71
N ILE A 248 4.56 -9.60 -6.15
CA ILE A 248 3.10 -9.59 -6.39
C ILE A 248 2.45 -9.45 -5.04
N VAL A 249 1.67 -8.39 -4.87
CA VAL A 249 0.96 -8.14 -3.60
C VAL A 249 -0.53 -7.92 -3.91
N ALA A 250 -1.33 -8.71 -3.23
CA ALA A 250 -2.78 -8.60 -3.42
C ALA A 250 -3.45 -7.64 -2.50
N GLU A 251 -4.35 -6.84 -3.06
CA GLU A 251 -5.23 -6.13 -2.21
C GLU A 251 -6.23 -7.12 -1.58
N GLU A 252 -6.35 -7.09 -0.26
CA GLU A 252 -7.29 -8.01 0.45
C GLU A 252 -7.57 -7.36 1.82
N TRP A 253 -8.86 -7.07 2.08
CA TRP A 253 -9.25 -6.44 3.31
C TRP A 253 -9.64 -7.42 4.38
N ARG A 254 -9.75 -8.66 4.02
CA ARG A 254 -10.14 -9.74 5.02
C ARG A 254 -8.96 -10.67 5.21
N SER A 255 -9.18 -11.98 5.44
CA SER A 255 -8.07 -12.89 5.63
C SER A 255 -7.15 -13.00 4.39
N PRO A 256 -5.83 -13.00 4.58
CA PRO A 256 -4.90 -13.11 3.42
C PRO A 256 -4.73 -14.51 2.87
N VAL A 257 -5.24 -15.52 3.59
CA VAL A 257 -4.75 -16.92 3.41
C VAL A 257 -4.90 -17.41 1.99
N GLU A 258 -6.01 -17.09 1.34
CA GLU A 258 -6.22 -17.61 0.00
C GLU A 258 -5.17 -17.16 -1.02
N TRP A 259 -4.52 -16.05 -0.74
CA TRP A 259 -3.56 -15.51 -1.68
C TRP A 259 -2.13 -15.95 -1.45
N LEU A 260 -1.94 -16.76 -0.41
CA LEU A 260 -0.60 -17.14 0.02
C LEU A 260 -0.29 -18.61 -0.04
N GLN A 261 -0.91 -19.27 -0.98
CA GLN A 261 -0.73 -20.75 -1.16
C GLN A 261 0.41 -21.07 -2.08
N GLY A 262 1.10 -20.04 -2.63
CA GLY A 262 2.28 -20.22 -3.47
C GLY A 262 2.05 -20.11 -4.95
N ASP A 263 0.79 -19.99 -5.28
CA ASP A 263 0.38 -19.96 -6.66
C ASP A 263 -0.20 -18.65 -7.19
N THR A 264 -0.33 -17.65 -6.32
CA THR A 264 -0.85 -16.35 -6.77
C THR A 264 0.06 -15.23 -6.29
N ALA A 265 -0.19 -14.74 -5.11
CA ALA A 265 0.59 -13.61 -4.58
C ALA A 265 1.76 -13.96 -3.63
N ASP A 266 2.59 -12.98 -3.40
CA ASP A 266 3.71 -13.08 -2.43
C ASP A 266 3.34 -12.58 -1.06
N GLY A 267 2.16 -11.97 -0.92
CA GLY A 267 1.75 -11.17 0.25
C GLY A 267 0.40 -10.53 -0.05
N THR A 268 -0.18 -9.93 0.95
CA THR A 268 -1.33 -9.05 0.76
C THR A 268 -1.08 -7.73 1.49
N MET A 269 -1.89 -6.71 1.18
CA MET A 269 -1.96 -5.51 1.98
C MET A 269 -2.56 -5.99 3.33
N ASN A 270 -1.85 -5.64 4.39
CA ASN A 270 -2.21 -6.31 5.63
C ASN A 270 -3.27 -5.51 6.41
N TYR A 271 -4.46 -5.39 5.87
CA TYR A 271 -5.48 -4.61 6.51
C TYR A 271 -5.98 -5.22 7.83
N THR A 272 -5.87 -6.55 7.94
CA THR A 272 -6.14 -7.18 9.25
C THR A 272 -5.30 -6.54 10.35
N ALA A 273 -4.02 -6.37 10.14
CA ALA A 273 -3.17 -5.81 11.20
C ALA A 273 -3.42 -4.32 11.39
N ARG A 274 -3.85 -3.66 10.33
CA ARG A 274 -4.18 -2.26 10.45
C ARG A 274 -5.33 -2.12 11.46
N ASP A 275 -6.35 -2.93 11.27
CA ASP A 275 -7.53 -2.85 12.12
C ASP A 275 -7.18 -3.17 13.58
N LEU A 276 -6.35 -4.17 13.77
CA LEU A 276 -5.93 -4.56 15.16
C LEU A 276 -5.18 -3.41 15.83
N ILE A 277 -4.17 -2.87 15.12
CA ILE A 277 -3.33 -1.84 15.67
C ILE A 277 -4.16 -0.61 16.00
N LEU A 278 -5.02 -0.12 15.10
CA LEU A 278 -5.70 1.08 15.31
C LEU A 278 -6.85 0.90 16.39
N GLY A 279 -7.38 -0.31 16.49
CA GLY A 279 -8.36 -0.62 17.56
C GLY A 279 -7.70 -0.39 18.92
N PHE A 280 -6.41 -0.69 18.99
CA PHE A 280 -5.65 -0.49 20.30
C PHE A 280 -5.17 0.92 20.50
N THR A 281 -4.51 1.49 19.48
CA THR A 281 -3.94 2.81 19.64
C THR A 281 -4.86 4.04 19.48
N ALA A 282 -5.90 3.92 18.73
CA ALA A 282 -6.82 5.05 18.39
C ALA A 282 -8.21 4.87 19.02
N ASP A 283 -8.80 3.71 18.86
CA ASP A 283 -10.24 3.60 19.18
C ASP A 283 -10.45 3.34 20.68
N GLY A 284 -9.57 2.57 21.24
CA GLY A 284 -9.69 2.25 22.65
C GLY A 284 -10.32 0.88 22.86
N GLY A 285 -11.05 0.41 21.86
CA GLY A 285 -11.80 -0.82 21.97
C GLY A 285 -11.15 -2.18 22.11
N ILE A 286 -9.94 -2.29 21.62
CA ILE A 286 -9.26 -3.52 21.73
C ILE A 286 -8.05 -3.32 22.63
N ASP A 287 -7.94 -4.18 23.62
CA ASP A 287 -6.86 -4.06 24.56
C ASP A 287 -5.61 -4.85 24.18
N ALA A 288 -4.55 -4.74 24.95
CA ALA A 288 -3.34 -5.49 24.58
C ALA A 288 -3.42 -7.01 24.42
N SER A 289 -4.23 -7.66 25.24
CA SER A 289 -4.45 -9.05 25.13
C SER A 289 -5.13 -9.39 23.82
N ALA A 290 -6.12 -8.55 23.48
CA ALA A 290 -6.90 -8.82 22.28
C ALA A 290 -5.98 -8.49 21.03
N LEU A 291 -5.20 -7.41 21.15
CA LEU A 291 -4.19 -7.11 20.07
C LEU A 291 -3.20 -8.21 19.86
N ALA A 292 -2.59 -8.69 20.93
CA ALA A 292 -1.65 -9.83 20.78
C ALA A 292 -2.28 -11.07 20.24
N ALA A 293 -3.50 -11.43 20.72
CA ALA A 293 -4.16 -12.68 20.29
C ALA A 293 -4.45 -12.56 18.73
N GLY A 294 -4.89 -11.35 18.34
CA GLY A 294 -5.21 -11.17 16.92
C GLY A 294 -3.93 -11.21 16.09
N LEU A 295 -2.86 -10.55 16.51
CA LEU A 295 -1.60 -10.59 15.75
C LEU A 295 -1.02 -11.99 15.64
N ASN A 296 -1.06 -12.72 16.75
CA ASN A 296 -0.52 -14.06 16.75
C ASN A 296 -1.37 -15.00 15.89
N ALA A 297 -2.67 -14.83 15.90
CA ALA A 297 -3.60 -15.67 15.16
C ALA A 297 -3.32 -15.36 13.58
N LEU A 298 -3.19 -14.09 13.27
CA LEU A 298 -2.87 -13.65 11.88
C LEU A 298 -1.55 -14.25 11.45
N HIS A 299 -0.51 -14.13 12.28
CA HIS A 299 0.78 -14.69 11.93
C HIS A 299 0.71 -16.18 11.70
N ALA A 300 0.00 -16.88 12.56
CA ALA A 300 -0.17 -18.32 12.39
C ALA A 300 -0.90 -18.70 11.10
N GLU A 301 -1.86 -17.87 10.68
CA GLU A 301 -2.70 -18.15 9.46
C GLU A 301 -1.82 -17.95 8.18
N ILE A 302 -0.84 -17.05 8.26
CA ILE A 302 0.03 -16.74 7.11
C ILE A 302 1.01 -17.96 6.94
N PRO A 303 1.08 -18.52 5.75
CA PRO A 303 2.02 -19.67 5.57
C PRO A 303 3.44 -19.22 5.58
N ALA A 304 4.30 -20.15 6.07
CA ALA A 304 5.68 -19.87 6.13
C ALA A 304 6.29 -19.55 4.83
N GLY A 305 7.14 -18.57 4.80
CA GLY A 305 7.73 -18.08 3.57
C GLY A 305 6.98 -16.84 3.05
N PHE A 306 5.83 -16.54 3.60
CA PHE A 306 5.04 -15.39 3.14
C PHE A 306 4.89 -14.23 4.11
N HIS A 307 5.35 -14.42 5.33
CA HIS A 307 5.28 -13.34 6.30
C HIS A 307 6.00 -12.07 5.80
N ARG A 308 7.19 -12.27 5.25
CA ARG A 308 7.96 -11.17 4.75
C ARG A 308 7.31 -10.44 3.59
N GLY A 309 6.49 -11.15 2.83
CA GLY A 309 5.81 -10.51 1.70
C GLY A 309 4.58 -9.70 2.07
N MET A 310 4.08 -9.80 3.29
CA MET A 310 2.98 -8.97 3.64
C MET A 310 3.37 -7.55 3.59
N LEU A 311 2.45 -6.70 3.13
CA LEU A 311 2.68 -5.27 2.97
C LEU A 311 1.84 -4.55 4.06
N ASN A 312 2.50 -4.20 5.14
CA ASN A 312 1.81 -3.75 6.32
C ASN A 312 1.68 -2.24 6.21
N LEU A 313 0.52 -1.80 6.70
CA LEU A 313 0.15 -0.40 6.57
C LEU A 313 -0.83 0.05 7.71
N LEU A 314 -0.92 1.37 7.81
CA LEU A 314 -1.85 2.01 8.77
C LEU A 314 -2.91 2.82 8.09
N GLY A 315 -2.76 3.03 6.77
CA GLY A 315 -3.73 3.82 6.02
C GLY A 315 -3.32 3.73 4.56
N SER A 316 -4.23 4.21 3.73
CA SER A 316 -3.99 4.15 2.26
C SER A 316 -4.87 5.23 1.60
N HIS A 317 -4.93 5.19 0.25
CA HIS A 317 -5.81 6.12 -0.45
C HIS A 317 -7.28 5.76 -0.29
N ASP A 318 -7.54 4.64 0.40
CA ASP A 318 -8.92 4.14 0.67
C ASP A 318 -9.34 4.16 2.15
N THR A 319 -8.57 4.88 2.95
CA THR A 319 -8.89 5.08 4.35
C THR A 319 -8.77 6.48 4.80
N GLU A 320 -9.45 6.85 5.89
CA GLU A 320 -9.09 8.11 6.58
C GLU A 320 -7.60 8.13 6.86
N ARG A 321 -7.07 9.34 7.06
CA ARG A 321 -5.67 9.46 7.46
C ARG A 321 -5.42 9.04 8.88
N VAL A 322 -4.27 8.40 9.10
CA VAL A 322 -3.87 7.93 10.40
C VAL A 322 -4.06 9.02 11.48
N LEU A 323 -3.62 10.23 11.21
CA LEU A 323 -3.68 11.26 12.33
C LEU A 323 -5.12 11.59 12.61
N THR A 324 -5.98 11.57 11.64
CA THR A 324 -7.49 11.76 11.83
C THR A 324 -8.08 10.62 12.57
N ARG A 325 -7.68 9.40 12.29
CA ARG A 325 -8.20 8.28 13.03
C ARG A 325 -7.87 8.41 14.54
N HIS A 326 -6.70 8.98 14.80
CA HIS A 326 -6.23 9.25 16.17
C HIS A 326 -6.74 10.58 16.74
N ALA A 327 -7.67 11.23 16.06
CA ALA A 327 -8.25 12.49 16.49
C ALA A 327 -7.21 13.54 16.79
N GLY A 328 -6.17 13.58 15.99
CA GLY A 328 -5.16 14.61 16.21
C GLY A 328 -4.13 14.30 17.30
N ASP A 329 -4.24 13.14 17.92
CA ASP A 329 -3.30 12.76 18.99
C ASP A 329 -2.02 12.19 18.42
N VAL A 330 -1.00 13.04 18.33
CA VAL A 330 0.27 12.72 17.69
C VAL A 330 1.06 11.64 18.46
N GLU A 331 1.11 11.74 19.81
CA GLU A 331 1.81 10.69 20.55
C GLU A 331 1.16 9.34 20.42
N ALA A 332 -0.19 9.28 20.37
CA ALA A 332 -0.88 8.10 20.16
C ALA A 332 -0.65 7.53 18.71
N ALA A 333 -0.67 8.46 17.76
CA ALA A 333 -0.37 8.02 16.35
C ALA A 333 1.00 7.39 16.28
N LEU A 334 1.98 7.97 17.02
CA LEU A 334 3.30 7.37 17.05
C LEU A 334 3.34 5.95 17.60
N LEU A 335 2.39 5.57 18.51
CA LEU A 335 2.28 4.22 19.00
C LEU A 335 1.97 3.27 17.81
N SER A 336 1.06 3.76 16.95
CA SER A 336 0.68 2.94 15.79
C SER A 336 1.88 2.77 14.85
N TYR A 337 2.68 3.79 14.64
CA TYR A 337 3.89 3.65 13.81
C TYR A 337 4.91 2.72 14.43
N ALA A 338 5.02 2.83 15.80
CA ALA A 338 5.92 1.89 16.46
C ALA A 338 5.53 0.45 16.20
N LEU A 339 4.26 0.14 16.31
CA LEU A 339 3.75 -1.22 16.05
C LEU A 339 4.00 -1.60 14.55
N LEU A 340 3.61 -0.69 13.70
CA LEU A 340 3.81 -0.95 12.22
C LEU A 340 5.22 -1.37 11.89
N PHE A 341 6.21 -0.58 12.33
CA PHE A 341 7.59 -0.93 11.97
C PHE A 341 8.09 -2.12 12.75
N SER A 342 7.41 -2.53 13.83
CA SER A 342 7.82 -3.76 14.50
C SER A 342 7.43 -5.05 13.91
N LEU A 343 6.38 -5.08 13.05
CA LEU A 343 5.84 -6.29 12.56
C LEU A 343 6.64 -6.93 11.46
N GLU A 344 6.61 -8.28 11.42
CA GLU A 344 7.20 -9.03 10.30
C GLU A 344 6.35 -8.67 9.07
N GLY A 345 7.05 -8.49 7.95
CA GLY A 345 6.45 -7.95 6.71
C GLY A 345 6.93 -6.56 6.53
N ALA A 346 6.66 -6.01 5.34
CA ALA A 346 7.28 -4.79 4.91
C ALA A 346 6.44 -3.61 5.28
N PRO A 347 6.92 -2.66 6.06
CA PRO A 347 6.10 -1.54 6.46
C PRO A 347 5.95 -0.56 5.31
N MET A 348 4.76 0.04 5.29
CA MET A 348 4.43 1.05 4.31
C MET A 348 3.82 2.32 4.92
N VAL A 349 4.34 3.47 4.52
CA VAL A 349 3.84 4.77 4.94
C VAL A 349 3.11 5.36 3.72
N TYR A 350 1.94 5.94 4.02
CA TYR A 350 1.14 6.62 3.05
C TYR A 350 1.60 8.10 2.93
N TYR A 351 1.84 8.57 1.71
CA TYR A 351 2.34 9.93 1.47
C TYR A 351 1.62 10.99 2.29
N GLY A 352 2.41 11.76 3.00
CA GLY A 352 1.86 12.81 3.78
C GLY A 352 1.62 12.47 5.20
N ASP A 353 1.47 11.19 5.49
CA ASP A 353 1.22 10.79 6.87
C ASP A 353 2.43 11.09 7.77
N GLU A 354 3.61 10.98 7.19
CA GLU A 354 4.86 11.25 7.88
C GLU A 354 5.01 12.73 8.32
N VAL A 355 4.20 13.65 7.74
CA VAL A 355 4.28 15.05 8.12
C VAL A 355 2.98 15.45 8.84
N GLY A 356 2.10 14.48 9.12
CA GLY A 356 0.84 14.75 9.85
C GLY A 356 -0.30 15.35 9.08
N LEU A 357 -0.42 14.97 7.80
CA LEU A 357 -1.60 15.33 7.12
C LEU A 357 -2.85 14.71 7.75
N THR A 358 -3.96 15.40 7.58
CA THR A 358 -5.21 14.95 8.06
C THR A 358 -6.26 14.83 6.92
N GLY A 359 -7.28 14.10 7.23
CA GLY A 359 -8.34 13.95 6.30
C GLY A 359 -9.18 12.76 6.58
N ASP A 360 -10.45 12.88 6.18
CA ASP A 360 -11.38 11.80 6.29
C ASP A 360 -11.19 10.82 5.10
N ASN A 361 -11.99 9.79 5.02
CA ASN A 361 -11.82 8.88 3.88
C ASN A 361 -12.04 9.52 2.49
N ASP A 362 -11.49 8.85 1.48
CA ASP A 362 -11.57 9.22 0.07
C ASP A 362 -12.89 9.97 -0.21
N PRO A 363 -12.79 11.22 -0.64
CA PRO A 363 -11.61 11.86 -1.23
C PRO A 363 -10.72 12.58 -0.21
N GLY A 364 -11.06 12.59 1.05
CA GLY A 364 -10.39 13.43 2.05
C GLY A 364 -8.95 13.11 2.33
N CYS A 365 -8.59 11.86 2.09
CA CYS A 365 -7.23 11.36 2.29
C CYS A 365 -6.31 11.62 1.13
N ARG A 366 -6.84 12.21 0.06
CA ARG A 366 -6.06 12.43 -1.14
C ARG A 366 -5.69 13.92 -1.34
N GLY A 367 -5.41 14.63 -0.25
CA GLY A 367 -4.90 15.97 -0.32
C GLY A 367 -3.51 16.07 -0.89
N ALA A 368 -3.16 17.20 -1.38
CA ALA A 368 -1.87 17.47 -1.99
C ALA A 368 -0.82 17.52 -0.85
N MET A 369 0.30 16.91 -1.14
CA MET A 369 1.45 16.98 -0.22
C MET A 369 2.07 18.36 -0.16
N PRO A 370 2.13 18.95 1.02
CA PRO A 370 2.68 20.30 1.17
C PRO A 370 4.20 20.23 1.24
N TRP A 371 4.87 21.10 0.51
CA TRP A 371 6.31 21.13 0.50
C TRP A 371 6.90 22.29 1.32
N ASN A 372 6.03 23.10 1.90
CA ASN A 372 6.43 24.18 2.77
C ASN A 372 6.54 23.53 4.13
N GLU A 373 7.77 23.30 4.57
CA GLU A 373 8.04 22.53 5.74
C GLU A 373 7.50 23.16 7.03
N GLU A 374 7.11 24.46 7.01
CA GLU A 374 6.48 25.01 8.24
C GLU A 374 5.14 24.40 8.59
N SER A 375 4.45 23.73 7.66
CA SER A 375 3.23 23.04 8.00
C SER A 375 3.55 21.62 8.53
N TRP A 376 4.78 21.16 8.41
CA TRP A 376 5.04 19.76 8.76
C TRP A 376 4.99 19.45 10.24
N ASN A 377 4.45 18.31 10.61
CA ASN A 377 4.66 17.87 11.92
C ASN A 377 5.98 17.15 12.08
N THR A 378 6.98 17.81 12.61
CA THR A 378 8.24 17.17 12.69
C THR A 378 8.41 16.16 13.82
N ARG A 379 7.53 16.16 14.81
CA ARG A 379 7.63 15.12 15.82
C ARG A 379 7.29 13.77 15.18
N LEU A 380 6.27 13.77 14.35
CA LEU A 380 5.88 12.58 13.63
C LEU A 380 6.96 12.13 12.68
N LEU A 381 7.48 13.06 11.90
CA LEU A 381 8.50 12.74 10.92
C LEU A 381 9.74 12.14 11.58
N ASP A 382 10.21 12.82 12.61
CA ASP A 382 11.39 12.33 13.31
C ASP A 382 11.12 11.01 14.00
N GLY A 383 9.95 10.84 14.54
CA GLY A 383 9.60 9.61 15.23
C GLY A 383 9.56 8.42 14.29
N ILE A 384 8.92 8.60 13.14
CA ILE A 384 8.87 7.53 12.17
C ILE A 384 10.27 7.22 11.65
N ARG A 385 11.05 8.25 11.41
CA ARG A 385 12.42 8.05 11.02
C ARG A 385 13.21 7.18 12.01
N THR A 386 13.00 7.41 13.31
CA THR A 386 13.65 6.63 14.33
C THR A 386 13.21 5.17 14.34
N PHE A 387 11.90 4.88 14.18
CA PHE A 387 11.45 3.54 14.17
C PHE A 387 12.04 2.84 12.93
N ALA A 388 12.06 3.52 11.80
CA ALA A 388 12.66 2.97 10.59
C ALA A 388 14.16 2.64 10.78
N ALA A 389 14.86 3.55 11.42
CA ALA A 389 16.28 3.35 11.65
C ALA A 389 16.56 2.17 12.52
N PHE A 390 15.72 1.94 13.52
CA PHE A 390 15.92 0.79 14.39
C PHE A 390 15.79 -0.51 13.63
N ARG A 391 14.73 -0.61 12.84
CA ARG A 391 14.45 -1.78 12.03
C ARG A 391 15.58 -2.06 11.00
N ALA A 392 16.05 -1.00 10.39
CA ALA A 392 17.14 -1.05 9.45
C ALA A 392 18.43 -1.54 10.12
N HIS A 393 18.68 -1.07 11.36
CA HIS A 393 19.96 -1.38 12.02
C HIS A 393 19.91 -2.81 12.56
N GLN A 394 18.80 -3.28 13.07
CA GLN A 394 18.64 -4.59 13.73
C GLN A 394 18.21 -5.71 12.71
N PRO A 395 19.10 -6.61 12.31
CA PRO A 395 18.69 -7.71 11.41
C PRO A 395 17.47 -8.47 11.82
N ALA A 396 17.24 -8.75 13.12
CA ALA A 396 16.14 -9.44 13.57
C ALA A 396 14.80 -8.67 13.31
N MET A 397 14.89 -7.40 13.19
CA MET A 397 13.65 -6.58 12.99
C MET A 397 13.23 -6.71 11.54
N ARG A 398 14.11 -7.24 10.69
CA ARG A 398 13.76 -7.48 9.30
C ARG A 398 13.49 -8.96 8.97
N ARG A 399 14.34 -9.80 9.50
CA ARG A 399 14.26 -11.21 9.23
C ARG A 399 13.80 -12.13 10.36
N GLY A 400 13.62 -11.58 11.53
CA GLY A 400 13.18 -12.33 12.66
C GLY A 400 11.71 -12.67 12.70
N ARG A 401 11.43 -13.81 13.31
CA ARG A 401 10.09 -14.30 13.48
C ARG A 401 9.39 -13.45 14.52
N GLN A 402 8.10 -13.30 14.41
CA GLN A 402 7.33 -12.48 15.33
C GLN A 402 6.52 -13.22 16.36
N THR A 403 6.58 -12.77 17.63
CA THR A 403 5.65 -13.09 18.67
C THR A 403 5.12 -11.85 19.37
N ALA A 404 3.81 -11.78 19.60
CA ALA A 404 3.20 -10.66 20.31
C ALA A 404 2.88 -11.12 21.75
N VAL A 405 3.28 -10.32 22.73
CA VAL A 405 3.04 -10.72 24.13
C VAL A 405 2.43 -9.53 24.84
N ALA A 406 1.22 -9.72 25.34
CA ALA A 406 0.52 -8.72 26.12
C ALA A 406 1.14 -8.71 27.54
N LEU A 407 1.43 -7.52 28.06
CA LEU A 407 1.95 -7.38 29.44
C LEU A 407 0.84 -6.95 30.40
N ASP A 408 -0.05 -6.05 30.01
CA ASP A 408 -1.25 -5.64 30.72
C ASP A 408 -2.24 -5.05 29.70
N ALA A 409 -3.41 -4.57 30.09
CA ALA A 409 -4.38 -4.11 29.14
C ALA A 409 -3.83 -3.03 28.16
N ASP A 410 -2.84 -2.24 28.58
CA ASP A 410 -2.39 -1.08 27.83
C ASP A 410 -0.96 -1.20 27.32
N THR A 411 -0.42 -2.37 27.41
CA THR A 411 0.98 -2.57 27.14
C THR A 411 1.19 -3.89 26.39
N ILE A 412 1.93 -3.81 25.28
CA ILE A 412 2.23 -4.94 24.44
C ILE A 412 3.71 -4.94 23.98
N ALA A 413 4.29 -6.10 23.83
CA ALA A 413 5.60 -6.26 23.34
C ALA A 413 5.54 -7.06 22.01
N ILE A 414 6.25 -6.56 21.00
CA ILE A 414 6.42 -7.28 19.68
C ILE A 414 7.86 -7.75 19.65
N VAL A 415 8.01 -9.05 19.72
CA VAL A 415 9.37 -9.70 19.81
C VAL A 415 9.74 -10.33 18.44
N ARG A 416 10.93 -10.01 17.93
CA ARG A 416 11.42 -10.47 16.66
C ARG A 416 12.71 -11.28 16.92
N SER A 417 12.69 -12.56 16.63
CA SER A 417 13.83 -13.39 17.07
C SER A 417 14.33 -14.23 15.95
N GLY A 418 15.62 -14.10 15.75
CA GLY A 418 16.32 -14.80 14.72
C GLY A 418 16.74 -16.06 15.35
N GLY A 419 17.89 -16.03 15.97
CA GLY A 419 18.35 -17.22 16.59
C GLY A 419 18.77 -16.87 17.98
N ASP A 420 20.05 -16.54 18.07
CA ASP A 420 20.67 -16.16 19.30
C ASP A 420 20.33 -14.77 19.58
N GLU A 421 19.92 -14.07 18.54
CA GLU A 421 19.61 -12.71 18.74
C GLU A 421 18.15 -12.48 18.67
N ARG A 422 17.77 -11.37 19.26
CA ARG A 422 16.40 -10.96 19.32
C ARG A 422 16.30 -9.48 19.58
N ALA A 423 15.15 -8.91 19.23
CA ALA A 423 14.80 -7.51 19.42
C ALA A 423 13.34 -7.43 19.79
N ALA A 424 12.96 -6.33 20.42
CA ALA A 424 11.64 -6.20 20.94
C ALA A 424 11.25 -4.76 20.92
N VAL A 425 10.01 -4.46 20.58
CA VAL A 425 9.47 -3.14 20.68
C VAL A 425 8.28 -3.25 21.63
N ILE A 426 8.38 -2.51 22.79
CA ILE A 426 7.31 -2.44 23.81
C ILE A 426 6.58 -1.14 23.59
N VAL A 427 5.27 -1.26 23.54
CA VAL A 427 4.41 -0.15 23.21
C VAL A 427 3.34 -0.05 24.39
N HIS A 428 3.24 1.15 24.97
CA HIS A 428 2.33 1.46 26.08
C HIS A 428 1.39 2.61 25.79
N ARG A 429 0.07 2.44 25.90
CA ARG A 429 -0.90 3.41 25.58
C ARG A 429 -1.49 4.09 26.84
N GLY A 430 -0.89 3.73 27.97
CA GLY A 430 -1.47 4.30 29.26
C GLY A 430 -0.61 5.41 29.72
N GLU A 431 -0.68 5.66 31.05
CA GLU A 431 -0.01 6.82 31.66
C GLU A 431 1.40 6.54 32.21
N GLY A 432 1.87 5.33 32.03
CA GLY A 432 3.21 4.91 32.38
C GLY A 432 3.17 3.54 32.98
N THR A 433 4.26 2.81 32.85
CA THR A 433 4.40 1.45 33.40
C THR A 433 5.88 1.15 33.47
N THR A 434 6.17 0.10 34.23
CA THR A 434 7.45 -0.48 34.28
C THR A 434 7.33 -1.94 33.87
N VAL A 435 8.38 -2.41 33.21
CA VAL A 435 8.33 -3.79 32.75
C VAL A 435 9.51 -4.51 33.32
N ASP A 436 9.23 -5.56 34.08
CA ASP A 436 10.31 -6.40 34.59
C ASP A 436 10.60 -7.43 33.52
N THR A 437 11.56 -7.09 32.69
CA THR A 437 11.99 -7.82 31.53
C THR A 437 12.47 -9.25 31.83
N ALA A 438 13.11 -9.41 32.97
CA ALA A 438 13.59 -10.71 33.37
C ALA A 438 12.49 -11.67 33.70
N SER A 439 11.35 -11.19 34.14
CA SER A 439 10.22 -12.10 34.43
C SER A 439 9.38 -12.55 33.22
N ILE A 440 9.63 -11.97 32.03
CA ILE A 440 8.83 -12.27 30.85
C ILE A 440 9.70 -13.17 29.98
N PRO A 441 9.33 -14.45 29.80
CA PRO A 441 10.32 -15.35 29.10
C PRO A 441 10.78 -14.86 27.70
N GLU A 442 9.88 -14.17 26.94
CA GLU A 442 10.27 -13.77 25.56
C GLU A 442 11.17 -12.58 25.59
N LEU A 443 11.16 -11.80 26.71
CA LEU A 443 11.97 -10.61 26.86
C LEU A 443 13.29 -10.88 27.62
N ALA A 444 13.31 -11.95 28.37
CA ALA A 444 14.48 -12.22 29.28
C ALA A 444 15.85 -12.23 28.54
N PRO A 445 15.96 -12.82 27.30
CA PRO A 445 17.27 -12.81 26.58
C PRO A 445 17.83 -11.47 26.19
N LEU A 446 17.05 -10.39 26.25
CA LEU A 446 17.54 -9.10 25.91
C LEU A 446 18.46 -8.59 27.00
N ASP A 447 18.42 -9.23 28.19
CA ASP A 447 19.16 -8.80 29.38
C ASP A 447 18.97 -7.30 29.61
N ALA A 448 17.70 -6.86 29.68
CA ALA A 448 17.37 -5.42 29.72
C ALA A 448 16.83 -4.90 31.04
N ASP A 449 16.69 -5.80 32.01
CA ASP A 449 16.29 -5.51 33.40
C ASP A 449 14.89 -4.87 33.45
N THR A 450 14.73 -3.70 34.08
CA THR A 450 13.41 -3.13 34.24
C THR A 450 13.38 -1.97 33.31
N VAL A 451 12.35 -1.88 32.47
CA VAL A 451 12.26 -0.81 31.51
C VAL A 451 11.13 0.03 32.03
N VAL A 452 11.35 1.31 32.09
CA VAL A 452 10.33 2.26 32.49
C VAL A 452 9.81 3.06 31.34
N LEU A 453 8.50 3.01 31.17
CA LEU A 453 7.86 3.72 30.10
C LEU A 453 6.99 4.82 30.65
N GLY A 454 7.05 5.99 30.06
CA GLY A 454 6.21 7.07 30.42
C GLY A 454 4.91 6.99 29.63
N PRO A 455 4.11 8.00 29.74
CA PRO A 455 2.79 7.99 29.16
C PRO A 455 2.96 7.89 27.60
N LEU A 456 2.16 7.04 27.01
CA LEU A 456 2.21 6.84 25.51
C LEU A 456 3.64 6.57 25.07
N GLY A 457 4.35 5.81 25.89
CA GLY A 457 5.75 5.56 25.69
C GLY A 457 6.02 4.29 24.86
N THR A 458 7.17 4.31 24.20
CA THR A 458 7.66 3.07 23.65
C THR A 458 9.12 2.86 23.94
N ALA A 459 9.53 1.58 23.86
CA ALA A 459 10.90 1.21 24.00
C ALA A 459 11.30 0.12 23.01
N SER A 460 12.46 0.30 22.43
CA SER A 460 13.01 -0.59 21.45
C SER A 460 14.38 -1.13 21.94
N LEU A 461 14.43 -2.45 22.07
CA LEU A 461 15.51 -3.13 22.76
C LEU A 461 16.11 -4.20 21.86
N ALA A 462 17.39 -4.49 22.05
CA ALA A 462 17.99 -5.60 21.30
C ALA A 462 19.05 -6.28 22.17
N THR A 463 19.33 -7.56 21.89
CA THR A 463 20.36 -8.35 22.59
C THR A 463 21.76 -7.75 22.48
#